data_6G6U
#
_entry.id   6G6U
#
_cell.length_a   51.400
_cell.length_b   58.150
_cell.length_c   122.720
_cell.angle_alpha   90.000
_cell.angle_beta   94.030
_cell.angle_gamma   90.000
#
_symmetry.space_group_name_H-M   'P 1 21 1'
#
loop_
_entity.id
_entity.type
_entity.pdbx_description
1 polymer 'Voltage-dependent anion-selective channel protein 1'
2 non-polymer 1,2-DIMYRISTOYL-RAC-GLYCERO-3-PHOSPHOCHOLINE
3 non-polymer 'NITRATE ION'
4 water water
#
_entity_poly.entity_id   1
_entity_poly.type   'polypeptide(L)'
_entity_poly.pdbx_seq_one_letter_code
;MAVPPTYADLGKSARDVFTKGYGFGLIKLDLKTKSENGLEFTSSGSANTETTKVTGSLETKYRWTEYGLTFTEKWNTDNT
LGTEITVEDQLARGLKLTFDSSFSPNTGKKNAKIKTGYKREHINLGCDMDFDIAGPSIRGALVLGYEGWLAGYQMNFETA
KSRVTQSNFAVGYKTDEFQLHTNVNDGTEFGGSIYQKVNKKLETAVNLAWTAGNSNTRFGIAAKYQIDPDACFSAKVNNS
SLIGLGYTQTLKPGIKLTLSALLDGKNVNAGGHKLGLGLEFQALEHHHHHH
;
_entity_poly.pdbx_strand_id   A,B
#
loop_
_chem_comp.id
_chem_comp.type
_chem_comp.name
_chem_comp.formula
MC3 non-polymer 1,2-DIMYRISTOYL-RAC-GLYCERO-3-PHOSPHOCHOLINE 'C36 H72 N O8 P'
NO3 non-polymer 'NITRATE ION' 'N O3 -1'
#
# COMPACT_ATOMS: atom_id res chain seq x y z
N ALA A 2 -18.97 -5.04 -35.76
CA ALA A 2 -18.12 -5.05 -34.55
C ALA A 2 -18.15 -6.41 -33.83
N VAL A 3 -17.13 -6.56 -32.96
CA VAL A 3 -17.14 -7.63 -31.96
C VAL A 3 -17.92 -7.09 -30.72
N PRO A 4 -18.95 -7.80 -30.28
CA PRO A 4 -19.73 -7.29 -29.21
C PRO A 4 -19.08 -7.53 -27.90
N PRO A 5 -19.47 -6.81 -26.84
CA PRO A 5 -18.95 -7.10 -25.54
C PRO A 5 -19.38 -8.44 -25.01
N THR A 6 -18.70 -8.91 -23.99
CA THR A 6 -19.18 -10.07 -23.29
C THR A 6 -20.50 -9.70 -22.58
N TYR A 7 -21.25 -10.70 -22.16
CA TYR A 7 -22.48 -10.55 -21.44
C TYR A 7 -22.35 -9.68 -20.20
N ALA A 8 -21.30 -9.89 -19.44
CA ALA A 8 -21.04 -9.11 -18.21
C ALA A 8 -20.77 -7.63 -18.50
N ASP A 9 -20.24 -7.34 -19.69
CA ASP A 9 -19.89 -5.98 -19.97
C ASP A 9 -21.03 -5.18 -20.61
N LEU A 10 -22.16 -5.85 -20.89
CA LEU A 10 -23.35 -5.08 -21.32
C LEU A 10 -23.78 -4.11 -20.19
N GLY A 11 -23.90 -2.82 -20.52
CA GLY A 11 -24.18 -1.83 -19.55
C GLY A 11 -22.95 -1.33 -18.74
N LYS A 12 -21.71 -1.66 -19.12
CA LYS A 12 -20.61 -1.36 -18.24
C LYS A 12 -20.26 0.16 -18.12
N SER A 13 -20.22 0.87 -19.25
CA SER A 13 -20.04 2.25 -19.28
C SER A 13 -20.91 3.03 -18.34
N ALA A 14 -22.21 2.72 -18.34
CA ALA A 14 -23.15 3.38 -17.46
C ALA A 14 -22.87 3.04 -16.03
N ARG A 15 -22.60 1.75 -15.80
CA ARG A 15 -22.16 1.30 -14.47
C ARG A 15 -20.90 2.10 -14.02
N ASP A 16 -19.93 2.31 -14.90
CA ASP A 16 -18.72 3.08 -14.58
C ASP A 16 -18.95 4.49 -14.17
N VAL A 17 -19.93 5.19 -14.79
CA VAL A 17 -20.22 6.57 -14.38
C VAL A 17 -20.68 6.63 -12.92
N PHE A 18 -21.40 5.63 -12.44
CA PHE A 18 -21.84 5.53 -11.04
C PHE A 18 -20.77 5.08 -10.10
N THR A 19 -19.89 4.15 -10.53
CA THR A 19 -18.96 3.45 -9.59
C THR A 19 -17.51 4.09 -9.53
N LYS A 20 -16.90 4.47 -10.65
CA LYS A 20 -15.57 5.05 -10.63
C LYS A 20 -15.57 6.47 -10.04
N GLY A 21 -14.48 6.85 -9.38
CA GLY A 21 -14.38 8.22 -8.91
C GLY A 21 -14.94 8.40 -7.52
N TYR A 22 -15.45 7.32 -6.95
CA TYR A 22 -16.04 7.38 -5.61
C TYR A 22 -15.48 6.22 -4.78
N GLY A 23 -15.18 6.48 -3.52
CA GLY A 23 -14.89 5.39 -2.58
C GLY A 23 -15.29 5.81 -1.16
N PHE A 24 -16.58 5.89 -0.88
CA PHE A 24 -17.03 6.40 0.40
C PHE A 24 -16.67 5.46 1.55
N GLY A 25 -16.22 6.02 2.66
CA GLY A 25 -15.91 5.25 3.83
C GLY A 25 -14.63 4.47 3.69
N LEU A 26 -13.82 4.77 2.66
CA LEU A 26 -12.57 4.05 2.44
C LEU A 26 -11.40 4.99 2.22
N ILE A 27 -10.23 4.57 2.68
CA ILE A 27 -8.96 5.18 2.30
C ILE A 27 -8.29 4.12 1.47
N LYS A 28 -8.04 4.45 0.21
CA LYS A 28 -7.61 3.50 -0.80
C LYS A 28 -6.27 3.89 -1.36
N LEU A 29 -5.44 2.89 -1.61
CA LEU A 29 -4.08 3.04 -2.12
C LEU A 29 -3.88 2.01 -3.20
N ASP A 30 -3.64 2.51 -4.42
CA ASP A 30 -3.47 1.65 -5.60
C ASP A 30 -2.19 1.94 -6.35
N LEU A 31 -1.44 0.89 -6.57
CA LEU A 31 -0.07 1.02 -7.07
C LEU A 31 0.06 0.14 -8.27
N LYS A 32 0.47 0.69 -9.40
CA LYS A 32 0.65 -0.10 -10.63
C LYS A 32 1.99 0.21 -11.26
N THR A 33 2.74 -0.83 -11.62
CA THR A 33 4.03 -0.61 -12.21
C THR A 33 4.07 -1.52 -13.37
N LYS A 34 3.77 -1.05 -14.56
CA LYS A 34 3.89 -1.86 -15.78
C LYS A 34 5.16 -1.54 -16.59
N SER A 35 5.84 -2.61 -17.02
CA SER A 35 7.06 -2.50 -17.84
C SER A 35 6.73 -2.72 -19.30
N GLU A 36 7.29 -1.88 -20.16
CA GLU A 36 7.05 -1.98 -21.60
C GLU A 36 7.45 -3.36 -22.10
N ASN A 37 8.36 -4.00 -21.38
CA ASN A 37 8.82 -5.32 -21.75
C ASN A 37 9.13 -6.12 -20.50
N GLY A 38 8.09 -6.65 -19.87
CA GLY A 38 8.29 -7.47 -18.69
C GLY A 38 7.17 -7.41 -17.67
N LEU A 39 7.57 -7.58 -16.41
CA LEU A 39 6.64 -7.70 -15.28
C LEU A 39 5.68 -6.54 -15.04
N GLU A 40 4.48 -6.90 -14.58
CA GLU A 40 3.44 -5.96 -14.23
C GLU A 40 3.08 -6.27 -12.78
N PHE A 41 3.01 -5.26 -11.94
CA PHE A 41 2.78 -5.44 -10.50
C PHE A 41 1.64 -4.52 -10.14
N THR A 42 0.62 -5.03 -9.44
CA THR A 42 -0.53 -4.25 -9.00
C THR A 42 -0.77 -4.59 -7.57
N SER A 43 -0.94 -3.57 -6.76
CA SER A 43 -1.25 -3.76 -5.36
C SER A 43 -2.36 -2.82 -5.03
N SER A 44 -3.32 -3.30 -4.26
CA SER A 44 -4.32 -2.43 -3.67
C SER A 44 -4.43 -2.60 -2.16
N GLY A 45 -4.66 -1.50 -1.47
CA GLY A 45 -4.83 -1.49 -0.01
C GLY A 45 -5.98 -0.58 0.36
N SER A 46 -6.84 -1.08 1.24
CA SER A 46 -8.09 -0.40 1.57
C SER A 46 -8.33 -0.40 3.07
N ALA A 47 -8.45 0.75 3.68
CA ALA A 47 -8.94 0.84 5.04
C ALA A 47 -10.39 1.31 5.01
N ASN A 48 -11.21 0.57 5.72
CA ASN A 48 -12.57 0.97 6.01
C ASN A 48 -12.50 1.86 7.24
N THR A 49 -12.93 3.11 7.13
CA THR A 49 -12.73 4.04 8.21
C THR A 49 -13.71 3.90 9.36
N GLU A 50 -14.72 3.04 9.22
CA GLU A 50 -15.71 2.83 10.25
C GLU A 50 -15.43 1.56 11.01
N THR A 51 -14.95 0.52 10.33
CA THR A 51 -14.68 -0.75 10.99
C THR A 51 -13.21 -0.89 11.37
N THR A 52 -12.38 0.00 10.83
CA THR A 52 -10.92 0.00 11.04
C THR A 52 -10.32 -1.27 10.43
N LYS A 53 -11.01 -1.85 9.45
CA LYS A 53 -10.52 -3.05 8.77
C LYS A 53 -9.60 -2.61 7.64
N VAL A 54 -8.51 -3.35 7.45
CA VAL A 54 -7.57 -2.99 6.42
C VAL A 54 -7.42 -4.20 5.51
N THR A 55 -7.76 -4.01 4.24
CA THR A 55 -7.64 -5.04 3.24
C THR A 55 -6.45 -4.75 2.28
N GLY A 56 -5.88 -5.79 1.71
CA GLY A 56 -4.69 -5.73 0.89
C GLY A 56 -4.76 -6.82 -0.19
N SER A 57 -4.19 -6.51 -1.35
CA SER A 57 -3.91 -7.51 -2.37
C SER A 57 -2.79 -7.12 -3.26
N LEU A 58 -1.94 -8.10 -3.60
CA LEU A 58 -0.87 -7.88 -4.57
C LEU A 58 -1.05 -8.87 -5.70
N GLU A 59 -0.61 -8.47 -6.88
CA GLU A 59 -0.73 -9.27 -8.09
C GLU A 59 0.55 -9.02 -8.92
N THR A 60 1.11 -10.13 -9.39
CA THR A 60 2.25 -10.14 -10.26
C THR A 60 1.82 -10.81 -11.58
N LYS A 61 1.95 -10.09 -12.68
CA LYS A 61 1.52 -10.62 -13.96
C LYS A 61 2.51 -10.45 -15.09
N TYR A 62 2.91 -11.59 -15.66
CA TYR A 62 3.81 -11.63 -16.78
C TYR A 62 3.17 -11.97 -18.10
N ARG A 63 3.29 -11.08 -19.10
CA ARG A 63 2.86 -11.39 -20.50
C ARG A 63 3.97 -11.86 -21.43
N TRP A 64 3.90 -13.11 -21.90
CA TRP A 64 4.76 -13.66 -22.95
C TRP A 64 3.99 -13.43 -24.23
N THR A 65 4.02 -12.19 -24.71
CA THR A 65 3.21 -11.79 -25.84
C THR A 65 3.53 -12.49 -27.17
N GLU A 66 4.60 -13.28 -27.16
CA GLU A 66 5.05 -14.08 -28.29
C GLU A 66 4.20 -15.34 -28.44
N TYR A 67 3.73 -15.87 -27.31
CA TYR A 67 2.91 -17.07 -27.32
C TYR A 67 1.51 -16.86 -26.75
N GLY A 68 1.01 -15.62 -26.84
CA GLY A 68 -0.32 -15.27 -26.35
C GLY A 68 -0.61 -15.61 -24.89
N LEU A 69 0.47 -15.72 -24.09
CA LEU A 69 0.40 -16.20 -22.70
C LEU A 69 0.45 -15.11 -21.67
N THR A 70 -0.35 -15.26 -20.62
CA THR A 70 -0.28 -14.46 -19.43
C THR A 70 -0.17 -15.41 -18.26
N PHE A 71 0.73 -15.08 -17.32
CA PHE A 71 0.75 -15.75 -16.03
C PHE A 71 0.56 -14.72 -14.96
N THR A 72 -0.28 -15.03 -14.01
CA THR A 72 -0.60 -14.13 -12.94
C THR A 72 -0.52 -14.86 -11.63
N GLU A 73 -0.08 -14.12 -10.61
CA GLU A 73 -0.08 -14.56 -9.24
C GLU A 73 -0.68 -13.50 -8.36
N LYS A 74 -1.59 -13.94 -7.50
CA LYS A 74 -2.32 -13.07 -6.66
C LYS A 74 -2.13 -13.57 -5.23
N TRP A 75 -2.29 -12.62 -4.34
CA TRP A 75 -2.20 -12.85 -2.93
C TRP A 75 -3.20 -11.82 -2.34
N ASN A 76 -3.96 -12.17 -1.31
CA ASN A 76 -4.68 -11.11 -0.57
C ASN A 76 -4.45 -11.23 0.95
N THR A 77 -5.14 -10.40 1.70
CA THR A 77 -4.99 -10.31 3.14
C THR A 77 -5.67 -11.41 3.92
N ASP A 78 -6.40 -12.28 3.24
CA ASP A 78 -7.01 -13.41 3.93
C ASP A 78 -6.17 -14.66 3.73
N ASN A 79 -4.97 -14.48 3.22
CA ASN A 79 -4.00 -15.49 2.89
C ASN A 79 -4.52 -16.38 1.80
N THR A 80 -5.22 -15.79 0.85
CA THR A 80 -5.73 -16.52 -0.27
C THR A 80 -4.73 -16.28 -1.37
N LEU A 81 -4.26 -17.35 -1.96
CA LEU A 81 -3.28 -17.35 -3.03
C LEU A 81 -3.96 -17.76 -4.29
N GLY A 82 -3.43 -17.40 -5.43
CA GLY A 82 -4.16 -17.58 -6.68
C GLY A 82 -3.17 -17.58 -7.82
N THR A 83 -3.34 -18.49 -8.77
CA THR A 83 -2.57 -18.42 -10.02
C THR A 83 -3.50 -18.52 -11.22
N GLU A 84 -3.13 -17.84 -12.29
CA GLU A 84 -3.97 -17.79 -13.47
C GLU A 84 -3.05 -17.87 -14.66
N ILE A 85 -3.32 -18.83 -15.54
CA ILE A 85 -2.68 -18.89 -16.85
C ILE A 85 -3.76 -18.65 -17.93
N THR A 86 -3.43 -17.82 -18.91
CA THR A 86 -4.29 -17.47 -19.99
C THR A 86 -3.59 -17.71 -21.33
N VAL A 87 -4.28 -18.33 -22.28
CA VAL A 87 -3.87 -18.41 -23.68
C VAL A 87 -4.91 -17.62 -24.53
N GLU A 88 -4.45 -16.71 -25.38
CA GLU A 88 -5.36 -15.90 -26.17
C GLU A 88 -4.83 -15.89 -27.58
N ASP A 89 -5.73 -16.01 -28.54
CA ASP A 89 -5.46 -15.89 -29.98
C ASP A 89 -4.53 -16.93 -30.52
N GLN A 90 -4.32 -18.02 -29.77
CA GLN A 90 -3.25 -18.98 -30.09
C GLN A 90 -3.65 -20.19 -30.89
N LEU A 91 -4.78 -20.80 -30.55
CA LEU A 91 -5.23 -21.90 -31.36
C LEU A 91 -6.15 -21.38 -32.44
N ALA A 92 -6.86 -20.29 -32.14
CA ALA A 92 -7.57 -19.55 -33.18
C ALA A 92 -7.78 -18.13 -32.72
N ARG A 93 -7.81 -17.24 -33.69
CA ARG A 93 -8.15 -15.86 -33.46
C ARG A 93 -9.50 -15.67 -32.72
N GLY A 94 -9.40 -14.89 -31.67
CA GLY A 94 -10.44 -14.64 -30.79
C GLY A 94 -10.76 -15.75 -29.81
N LEU A 95 -10.05 -16.87 -29.80
CA LEU A 95 -10.25 -17.84 -28.73
C LEU A 95 -9.35 -17.51 -27.49
N LYS A 96 -9.89 -17.63 -26.27
CA LYS A 96 -9.21 -17.35 -25.03
C LYS A 96 -9.54 -18.43 -23.99
N LEU A 97 -8.49 -19.04 -23.45
CA LEU A 97 -8.62 -20.12 -22.46
C LEU A 97 -7.86 -19.78 -21.18
N THR A 98 -8.51 -19.81 -20.04
CA THR A 98 -7.93 -19.45 -18.77
C THR A 98 -8.05 -20.67 -17.85
N PHE A 99 -6.95 -20.99 -17.20
CA PHE A 99 -7.01 -21.89 -16.05
C PHE A 99 -6.68 -21.05 -14.82
N ASP A 100 -7.56 -21.14 -13.81
CA ASP A 100 -7.44 -20.33 -12.61
C ASP A 100 -7.51 -21.23 -11.39
N SER A 101 -6.49 -21.24 -10.54
CA SER A 101 -6.49 -22.04 -9.29
C SER A 101 -6.26 -21.14 -8.06
N SER A 102 -6.96 -21.51 -7.01
CA SER A 102 -6.90 -20.82 -5.74
C SER A 102 -6.52 -21.86 -4.61
N PHE A 103 -5.82 -21.35 -3.59
CA PHE A 103 -5.36 -22.08 -2.44
C PHE A 103 -5.40 -21.21 -1.18
N SER A 104 -5.93 -21.78 -0.13
CA SER A 104 -5.98 -21.07 1.15
C SER A 104 -5.31 -21.90 2.23
N PRO A 105 -4.01 -21.56 2.56
CA PRO A 105 -3.17 -22.26 3.53
C PRO A 105 -3.85 -22.38 4.88
N ASN A 106 -4.59 -21.33 5.28
CA ASN A 106 -5.34 -21.29 6.54
C ASN A 106 -6.42 -22.33 6.71
N THR A 107 -7.19 -22.52 5.66
CA THR A 107 -8.43 -23.24 5.70
C THR A 107 -8.27 -24.49 4.87
N GLY A 108 -7.24 -24.55 4.02
CA GLY A 108 -7.10 -25.56 2.98
C GLY A 108 -8.25 -25.54 1.95
N LYS A 109 -8.87 -24.38 1.72
CA LYS A 109 -9.86 -24.33 0.63
C LYS A 109 -9.14 -24.32 -0.75
N LYS A 110 -9.23 -25.40 -1.53
CA LYS A 110 -8.80 -25.32 -2.94
C LYS A 110 -9.98 -24.99 -3.89
N ASN A 111 -9.74 -24.08 -4.85
CA ASN A 111 -10.70 -23.85 -5.92
C ASN A 111 -9.91 -23.91 -7.22
N ALA A 112 -10.53 -24.43 -8.28
CA ALA A 112 -10.07 -24.30 -9.67
C ALA A 112 -11.22 -23.90 -10.60
N LYS A 113 -10.87 -23.16 -11.63
CA LYS A 113 -11.81 -22.71 -12.64
C LYS A 113 -11.15 -22.83 -14.01
N ILE A 114 -11.95 -23.24 -14.98
CA ILE A 114 -11.61 -23.09 -16.39
C ILE A 114 -12.65 -22.18 -17.05
N LYS A 115 -12.14 -21.18 -17.75
CA LYS A 115 -12.96 -20.16 -18.39
C LYS A 115 -12.56 -20.19 -19.88
N THR A 116 -13.58 -20.24 -20.74
CA THR A 116 -13.33 -20.29 -22.21
C THR A 116 -14.15 -19.26 -22.88
N GLY A 117 -13.59 -18.66 -23.90
CA GLY A 117 -14.21 -17.49 -24.51
C GLY A 117 -13.91 -17.56 -25.94
N TYR A 118 -14.94 -17.29 -26.73
CA TYR A 118 -14.76 -17.13 -28.14
C TYR A 118 -15.48 -15.92 -28.65
N LYS A 119 -14.75 -15.11 -29.39
CA LYS A 119 -15.33 -13.93 -29.94
C LYS A 119 -14.84 -13.65 -31.34
N ARG A 120 -15.75 -13.07 -32.08
CA ARG A 120 -15.58 -12.68 -33.46
C ARG A 120 -16.64 -11.71 -33.87
N GLU A 121 -16.53 -11.23 -35.09
CA GLU A 121 -17.51 -10.28 -35.63
C GLU A 121 -18.97 -10.76 -35.29
N HIS A 122 -19.73 -9.90 -34.59
CA HIS A 122 -21.17 -10.12 -34.20
C HIS A 122 -21.47 -11.04 -33.00
N ILE A 123 -20.46 -11.74 -32.45
CA ILE A 123 -20.66 -12.91 -31.54
C ILE A 123 -19.65 -12.76 -30.42
N ASN A 124 -20.10 -12.99 -29.19
CA ASN A 124 -19.23 -13.11 -28.07
C ASN A 124 -19.79 -14.20 -27.11
N LEU A 125 -19.04 -15.29 -27.00
CA LEU A 125 -19.43 -16.45 -26.21
C LEU A 125 -18.52 -16.72 -25.06
N GLY A 126 -19.08 -17.17 -23.94
CA GLY A 126 -18.27 -17.80 -22.97
C GLY A 126 -18.88 -18.88 -22.13
N CYS A 127 -18.00 -19.59 -21.43
CA CYS A 127 -18.38 -20.73 -20.64
C CYS A 127 -17.33 -20.89 -19.61
N ASP A 128 -17.71 -20.63 -18.36
CA ASP A 128 -16.92 -20.81 -17.17
C ASP A 128 -17.32 -22.04 -16.39
N MET A 129 -16.33 -22.82 -16.02
CA MET A 129 -16.55 -24.00 -15.19
C MET A 129 -15.90 -23.85 -13.85
N ASP A 130 -16.70 -24.01 -12.79
CA ASP A 130 -16.21 -23.85 -11.45
C ASP A 130 -16.20 -25.24 -10.82
N PHE A 131 -14.99 -25.70 -10.49
CA PHE A 131 -14.78 -26.98 -9.83
C PHE A 131 -14.80 -26.72 -8.35
N ASP A 132 -15.60 -27.47 -7.65
CA ASP A 132 -15.72 -27.16 -6.24
C ASP A 132 -16.15 -28.37 -5.45
N ILE A 133 -15.92 -28.30 -4.13
CA ILE A 133 -16.36 -29.35 -3.22
C ILE A 133 -17.82 -28.95 -3.14
N ALA A 134 -18.03 -27.69 -2.77
CA ALA A 134 -19.39 -27.12 -2.76
C ALA A 134 -20.19 -27.69 -3.90
N GLY A 135 -19.57 -27.75 -5.08
CA GLY A 135 -20.19 -28.36 -6.27
C GLY A 135 -19.80 -27.65 -7.52
N PRO A 136 -19.43 -28.39 -8.57
CA PRO A 136 -19.18 -27.76 -9.88
C PRO A 136 -20.39 -26.96 -10.41
N SER A 137 -20.11 -25.81 -10.98
CA SER A 137 -21.16 -25.11 -11.65
C SER A 137 -20.62 -24.71 -13.04
N ILE A 138 -21.54 -24.47 -13.99
CA ILE A 138 -21.18 -24.06 -15.32
C ILE A 138 -21.92 -22.78 -15.61
N ARG A 139 -21.20 -21.76 -16.06
CA ARG A 139 -21.82 -20.50 -16.41
C ARG A 139 -21.64 -20.34 -17.91
N GLY A 140 -22.70 -20.20 -18.67
CA GLY A 140 -22.59 -19.93 -20.12
C GLY A 140 -23.19 -18.59 -20.53
N ALA A 141 -22.63 -17.95 -21.55
CA ALA A 141 -23.11 -16.62 -22.02
C ALA A 141 -22.90 -16.46 -23.48
N LEU A 142 -23.83 -15.78 -24.12
CA LEU A 142 -23.81 -15.55 -25.53
C LEU A 142 -24.31 -14.16 -25.76
N VAL A 143 -23.59 -13.39 -26.55
CA VAL A 143 -24.06 -12.06 -26.96
C VAL A 143 -23.99 -12.00 -28.47
N LEU A 144 -25.11 -11.67 -29.07
CA LEU A 144 -25.21 -11.47 -30.52
C LEU A 144 -25.38 -10.01 -30.83
N GLY A 145 -24.71 -9.52 -31.86
CA GLY A 145 -24.91 -8.12 -32.29
C GLY A 145 -25.26 -7.90 -33.73
N TYR A 146 -26.10 -6.90 -33.97
CA TYR A 146 -26.68 -6.65 -35.29
C TYR A 146 -26.91 -5.16 -35.39
N GLU A 147 -26.16 -4.50 -36.28
CA GLU A 147 -26.26 -3.05 -36.55
C GLU A 147 -26.49 -2.18 -35.33
N GLY A 148 -25.55 -2.28 -34.36
CA GLY A 148 -25.66 -1.56 -33.14
C GLY A 148 -26.54 -2.21 -32.09
N TRP A 149 -27.43 -3.14 -32.46
CA TRP A 149 -28.25 -3.83 -31.47
C TRP A 149 -27.51 -4.96 -30.84
N LEU A 150 -27.89 -5.36 -29.64
CA LEU A 150 -27.21 -6.38 -28.86
C LEU A 150 -28.25 -7.19 -28.14
N ALA A 151 -28.05 -8.50 -28.12
CA ALA A 151 -29.04 -9.39 -27.47
C ALA A 151 -28.20 -10.43 -26.77
N GLY A 152 -28.47 -10.68 -25.50
CA GLY A 152 -27.63 -11.67 -24.82
C GLY A 152 -28.43 -12.56 -23.89
N TYR A 153 -27.92 -13.78 -23.69
CA TYR A 153 -28.46 -14.76 -22.75
C TYR A 153 -27.33 -15.29 -21.91
N GLN A 154 -27.60 -15.47 -20.64
CA GLN A 154 -26.62 -15.89 -19.62
C GLN A 154 -27.25 -16.86 -18.59
N MET A 155 -26.59 -17.97 -18.34
CA MET A 155 -27.10 -18.98 -17.43
C MET A 155 -26.04 -19.54 -16.48
N ASN A 156 -26.47 -20.10 -15.36
CA ASN A 156 -25.60 -20.86 -14.48
C ASN A 156 -26.26 -22.17 -14.13
N PHE A 157 -25.53 -23.28 -14.24
CA PHE A 157 -25.99 -24.64 -13.85
C PHE A 157 -25.21 -25.19 -12.66
N GLU A 158 -25.87 -25.37 -11.52
CA GLU A 158 -25.28 -26.00 -10.30
C GLU A 158 -25.61 -27.49 -10.26
N THR A 159 -24.53 -28.27 -10.41
CA THR A 159 -24.59 -29.73 -10.67
C THR A 159 -25.15 -30.56 -9.51
N ALA A 160 -24.98 -30.03 -8.30
CA ALA A 160 -25.40 -30.73 -7.08
C ALA A 160 -26.94 -30.71 -6.91
N LYS A 161 -27.53 -29.60 -7.35
CA LYS A 161 -28.96 -29.33 -7.29
C LYS A 161 -29.55 -29.68 -8.67
N SER A 162 -28.65 -30.01 -9.60
CA SER A 162 -28.99 -30.30 -11.00
C SER A 162 -30.05 -29.35 -11.56
N ARG A 163 -29.85 -28.05 -11.39
CA ARG A 163 -30.78 -27.07 -11.89
C ARG A 163 -30.09 -25.75 -12.28
N VAL A 164 -30.53 -25.17 -13.39
CA VAL A 164 -30.22 -23.80 -13.72
C VAL A 164 -30.64 -22.95 -12.53
N THR A 165 -29.70 -22.22 -11.96
CA THR A 165 -29.96 -21.34 -10.82
C THR A 165 -29.85 -19.88 -11.25
N GLN A 166 -29.68 -19.65 -12.55
CA GLN A 166 -29.52 -18.29 -13.07
C GLN A 166 -29.92 -18.30 -14.54
N SER A 167 -30.82 -17.38 -14.91
CA SER A 167 -31.22 -17.25 -16.30
C SER A 167 -31.52 -15.82 -16.61
N ASN A 168 -30.57 -15.16 -17.31
CA ASN A 168 -30.59 -13.71 -17.54
C ASN A 168 -30.67 -13.43 -19.04
N PHE A 169 -31.46 -12.41 -19.39
CA PHE A 169 -31.62 -11.86 -20.75
C PHE A 169 -31.27 -10.38 -20.71
N ALA A 170 -30.60 -9.89 -21.76
CA ALA A 170 -30.30 -8.49 -21.95
C ALA A 170 -30.57 -8.14 -23.41
N VAL A 171 -31.06 -6.92 -23.66
CA VAL A 171 -31.23 -6.35 -24.98
C VAL A 171 -30.73 -4.86 -24.89
N GLY A 172 -30.02 -4.40 -25.92
CA GLY A 172 -29.54 -3.09 -25.87
C GLY A 172 -29.09 -2.55 -27.20
N TYR A 173 -28.63 -1.32 -27.20
CA TYR A 173 -28.17 -0.70 -28.39
C TYR A 173 -26.92 0.07 -28.00
N LYS A 174 -25.90 -0.04 -28.80
CA LYS A 174 -24.56 0.47 -28.40
C LYS A 174 -23.82 1.18 -29.56
N THR A 175 -23.58 2.46 -29.37
CA THR A 175 -22.68 3.25 -30.20
C THR A 175 -21.51 3.71 -29.30
N ASP A 176 -20.60 4.49 -29.87
CA ASP A 176 -19.46 5.00 -29.13
C ASP A 176 -19.83 6.26 -28.34
N GLU A 177 -20.99 6.83 -28.64
CA GLU A 177 -21.45 8.04 -27.96
C GLU A 177 -22.71 7.78 -27.11
N PHE A 178 -23.29 6.58 -27.18
CA PHE A 178 -24.61 6.32 -26.59
C PHE A 178 -24.81 4.85 -26.34
N GLN A 179 -25.39 4.51 -25.17
CA GLN A 179 -25.68 3.11 -24.86
C GLN A 179 -26.93 2.90 -24.08
N LEU A 180 -27.78 2.03 -24.64
CA LEU A 180 -29.05 1.62 -23.98
C LEU A 180 -28.88 0.17 -23.59
N HIS A 181 -29.18 -0.15 -22.35
CA HIS A 181 -29.05 -1.50 -21.85
C HIS A 181 -30.32 -1.88 -21.07
N THR A 182 -30.86 -3.05 -21.32
CA THR A 182 -31.96 -3.58 -20.47
C THR A 182 -31.71 -5.06 -20.21
N ASN A 183 -32.21 -5.50 -19.04
CA ASN A 183 -32.04 -6.85 -18.64
C ASN A 183 -33.10 -7.27 -17.66
N VAL A 184 -33.41 -8.55 -17.69
CA VAL A 184 -34.21 -9.16 -16.62
C VAL A 184 -33.42 -10.39 -16.08
N ASN A 185 -33.11 -10.39 -14.79
CA ASN A 185 -32.55 -11.56 -14.17
C ASN A 185 -33.57 -12.42 -13.52
N ASP A 186 -33.61 -13.67 -13.94
CA ASP A 186 -34.37 -14.73 -13.28
C ASP A 186 -35.85 -14.56 -13.27
N GLY A 187 -36.36 -13.99 -14.38
CA GLY A 187 -37.69 -13.39 -14.53
C GLY A 187 -38.12 -12.48 -13.42
N THR A 188 -37.18 -11.84 -12.71
CA THR A 188 -37.47 -11.25 -11.40
C THR A 188 -36.94 -9.82 -11.26
N GLU A 189 -35.68 -9.61 -11.65
CA GLU A 189 -35.02 -8.33 -11.47
C GLU A 189 -34.92 -7.67 -12.81
N PHE A 190 -35.56 -6.49 -12.92
CA PHE A 190 -35.51 -5.74 -14.14
C PHE A 190 -34.60 -4.56 -14.03
N GLY A 191 -33.76 -4.33 -15.03
CA GLY A 191 -32.86 -3.16 -15.01
C GLY A 191 -32.78 -2.46 -16.36
N GLY A 192 -32.52 -1.15 -16.35
CA GLY A 192 -32.28 -0.47 -17.57
C GLY A 192 -31.35 0.66 -17.31
N SER A 193 -30.61 1.04 -18.35
CA SER A 193 -29.67 2.16 -18.25
C SER A 193 -29.53 2.83 -19.59
N ILE A 194 -29.36 4.14 -19.56
CA ILE A 194 -28.86 4.90 -20.69
C ILE A 194 -27.51 5.53 -20.30
N TYR A 195 -26.56 5.43 -21.21
CA TYR A 195 -25.27 6.08 -21.07
C TYR A 195 -25.06 7.06 -22.22
N GLN A 196 -24.58 8.26 -21.91
CA GLN A 196 -24.37 9.25 -22.99
C GLN A 196 -23.03 9.93 -22.89
N LYS A 197 -22.26 9.88 -23.96
CA LYS A 197 -21.06 10.70 -24.02
C LYS A 197 -21.52 11.93 -24.71
N VAL A 198 -21.83 12.93 -23.88
CA VAL A 198 -22.55 14.14 -24.32
C VAL A 198 -21.64 15.12 -25.05
N ASN A 199 -20.36 15.15 -24.69
CA ASN A 199 -19.33 15.84 -25.47
C ASN A 199 -18.00 15.26 -25.04
N LYS A 200 -16.89 15.90 -25.44
CA LYS A 200 -15.51 15.50 -25.11
C LYS A 200 -15.30 15.53 -23.58
N LYS A 201 -16.13 16.32 -22.88
CA LYS A 201 -15.93 16.54 -21.44
C LYS A 201 -17.02 16.02 -20.48
N LEU A 202 -18.10 15.48 -21.00
CA LEU A 202 -19.23 15.12 -20.12
C LEU A 202 -19.79 13.75 -20.50
N GLU A 203 -19.87 12.88 -19.50
CA GLU A 203 -20.56 11.61 -19.57
C GLU A 203 -21.77 11.64 -18.61
N THR A 204 -22.90 11.10 -19.03
CA THR A 204 -24.06 10.98 -18.14
C THR A 204 -24.64 9.59 -18.16
N ALA A 205 -25.26 9.19 -17.07
CA ALA A 205 -25.91 7.89 -17.00
C ALA A 205 -27.21 7.97 -16.14
N VAL A 206 -28.21 7.25 -16.59
CA VAL A 206 -29.48 7.08 -15.86
C VAL A 206 -29.64 5.56 -15.67
N ASN A 207 -29.95 5.15 -14.46
CA ASN A 207 -30.13 3.72 -14.15
C ASN A 207 -31.52 3.52 -13.52
N LEU A 208 -32.15 2.41 -13.92
CA LEU A 208 -33.44 1.97 -13.37
C LEU A 208 -33.35 0.53 -12.94
N ALA A 209 -34.08 0.24 -11.90
CA ALA A 209 -34.19 -1.13 -11.38
C ALA A 209 -35.52 -1.28 -10.65
N TRP A 210 -36.12 -2.45 -10.80
CA TRP A 210 -37.34 -2.76 -10.14
C TRP A 210 -37.48 -4.30 -10.13
N THR A 211 -38.53 -4.83 -9.47
CA THR A 211 -38.58 -6.23 -9.09
C THR A 211 -40.01 -6.71 -9.26
N ALA A 212 -40.21 -7.85 -9.93
CA ALA A 212 -41.53 -8.46 -10.06
C ALA A 212 -42.21 -8.56 -8.72
N GLY A 213 -43.53 -8.33 -8.72
CA GLY A 213 -44.29 -8.35 -7.48
C GLY A 213 -44.18 -7.17 -6.53
N ASN A 214 -43.35 -6.16 -6.85
CA ASN A 214 -43.25 -4.97 -6.02
C ASN A 214 -43.41 -3.75 -6.93
N SER A 215 -44.30 -2.81 -6.59
CA SER A 215 -44.57 -1.72 -7.53
C SER A 215 -43.53 -0.57 -7.52
N ASN A 216 -42.58 -0.60 -6.59
CA ASN A 216 -41.62 0.50 -6.49
C ASN A 216 -40.55 0.46 -7.56
N THR A 217 -39.83 1.56 -7.76
CA THR A 217 -38.77 1.63 -8.74
C THR A 217 -37.62 2.39 -8.13
N ARG A 218 -36.42 1.87 -8.35
CA ARG A 218 -35.19 2.61 -7.94
C ARG A 218 -34.56 3.24 -9.16
N PHE A 219 -34.09 4.49 -9.02
CA PHE A 219 -33.34 5.09 -10.11
C PHE A 219 -32.22 5.95 -9.61
N GLY A 220 -31.22 6.17 -10.47
CA GLY A 220 -30.11 7.03 -10.19
C GLY A 220 -29.82 7.80 -11.44
N ILE A 221 -29.26 9.00 -11.24
CA ILE A 221 -28.80 9.85 -12.33
C ILE A 221 -27.34 10.09 -11.91
N ALA A 222 -26.39 10.06 -12.86
CA ALA A 222 -24.99 10.36 -12.54
C ALA A 222 -24.29 11.10 -13.67
N ALA A 223 -23.22 11.83 -13.36
CA ALA A 223 -22.46 12.53 -14.41
C ALA A 223 -21.00 12.41 -14.05
N LYS A 224 -20.19 12.70 -15.05
CA LYS A 224 -18.77 12.79 -14.85
C LYS A 224 -18.35 13.90 -15.79
N TYR A 225 -17.61 14.87 -15.24
CA TYR A 225 -17.18 16.05 -15.97
C TYR A 225 -15.69 16.25 -15.85
N GLN A 226 -15.02 16.09 -16.98
CA GLN A 226 -13.58 16.26 -17.08
C GLN A 226 -13.33 17.72 -17.33
N ILE A 227 -13.05 18.43 -16.22
CA ILE A 227 -12.86 19.88 -16.15
C ILE A 227 -11.68 20.30 -17.08
N ASP A 228 -10.55 19.64 -16.90
CA ASP A 228 -9.46 19.68 -17.87
C ASP A 228 -8.81 18.27 -17.88
N PRO A 229 -7.63 18.06 -18.54
CA PRO A 229 -7.14 16.66 -18.56
C PRO A 229 -6.63 16.19 -17.21
N ASP A 230 -6.55 17.09 -16.24
CA ASP A 230 -5.94 16.81 -14.96
C ASP A 230 -6.90 16.79 -13.81
N ALA A 231 -8.12 17.31 -14.00
CA ALA A 231 -9.14 17.33 -12.94
C ALA A 231 -10.48 16.78 -13.47
N CYS A 232 -11.18 16.09 -12.59
CA CYS A 232 -12.35 15.28 -12.99
C CYS A 232 -13.39 15.33 -11.84
N PHE A 233 -14.61 15.79 -12.11
CA PHE A 233 -15.66 15.84 -11.07
C PHE A 233 -16.77 14.85 -11.41
N SER A 234 -17.21 14.09 -10.40
CA SER A 234 -18.37 13.18 -10.47
C SER A 234 -19.49 13.58 -9.51
N ALA A 235 -20.71 13.53 -10.01
CA ALA A 235 -21.87 13.75 -9.13
C ALA A 235 -23.00 12.77 -9.46
N LYS A 236 -23.63 12.23 -8.42
CA LYS A 236 -24.74 11.29 -8.67
C LYS A 236 -25.81 11.46 -7.61
N VAL A 237 -27.05 11.22 -7.98
CA VAL A 237 -28.19 11.22 -7.00
C VAL A 237 -29.06 9.97 -7.24
N ASN A 238 -29.67 9.42 -6.20
CA ASN A 238 -30.61 8.31 -6.42
C ASN A 238 -31.95 8.60 -5.64
N ASN A 239 -32.97 7.81 -5.88
CA ASN A 239 -34.26 8.14 -5.34
C ASN A 239 -34.48 7.55 -3.96
N SER A 240 -33.41 7.08 -3.35
CA SER A 240 -33.34 6.83 -1.90
C SER A 240 -32.80 7.99 -1.17
N SER A 241 -32.61 9.08 -1.89
CA SER A 241 -32.14 10.34 -1.31
C SER A 241 -30.62 10.46 -1.10
N LEU A 242 -29.85 9.57 -1.66
CA LEU A 242 -28.42 9.68 -1.57
C LEU A 242 -27.81 10.61 -2.66
N ILE A 243 -26.89 11.47 -2.23
CA ILE A 243 -26.07 12.33 -3.11
C ILE A 243 -24.60 11.89 -2.99
N GLY A 244 -23.97 11.52 -4.09
CA GLY A 244 -22.54 11.22 -4.04
C GLY A 244 -21.77 12.30 -4.79
N LEU A 245 -20.65 12.75 -4.25
CA LEU A 245 -19.78 13.70 -4.92
C LEU A 245 -18.39 13.11 -4.95
N GLY A 246 -17.65 13.34 -6.04
CA GLY A 246 -16.30 12.82 -6.19
C GLY A 246 -15.43 13.76 -6.97
N TYR A 247 -14.19 13.90 -6.55
CA TYR A 247 -13.23 14.81 -7.22
C TYR A 247 -11.90 14.11 -7.37
N THR A 248 -11.41 14.06 -8.60
CA THR A 248 -10.14 13.42 -8.92
C THR A 248 -9.18 14.43 -9.53
N GLN A 249 -8.02 14.54 -8.92
CA GLN A 249 -6.96 15.44 -9.34
C GLN A 249 -5.68 14.64 -9.66
N THR A 250 -5.19 14.80 -10.88
CA THR A 250 -3.84 14.33 -11.22
C THR A 250 -2.82 15.37 -10.65
N LEU A 251 -2.01 14.91 -9.69
CA LEU A 251 -0.99 15.74 -9.05
C LEU A 251 0.30 15.79 -9.92
N LYS A 252 0.62 14.66 -10.52
CA LYS A 252 1.81 14.46 -11.34
C LYS A 252 1.41 13.32 -12.31
N PRO A 253 2.02 13.25 -13.53
CA PRO A 253 1.59 12.20 -14.48
C PRO A 253 1.54 10.79 -13.89
N GLY A 254 0.36 10.16 -13.91
CA GLY A 254 0.18 8.85 -13.34
C GLY A 254 -0.07 8.80 -11.86
N ILE A 255 -0.10 9.95 -11.18
CA ILE A 255 -0.57 10.05 -9.81
C ILE A 255 -1.84 10.88 -9.71
N LYS A 256 -2.89 10.25 -9.18
CA LYS A 256 -4.17 10.85 -8.98
C LYS A 256 -4.62 10.72 -7.56
N LEU A 257 -5.30 11.71 -7.07
CA LEU A 257 -5.85 11.74 -5.75
C LEU A 257 -7.39 11.92 -5.87
N THR A 258 -8.16 11.17 -5.09
CA THR A 258 -9.59 11.25 -5.11
C THR A 258 -10.13 11.63 -3.73
N LEU A 259 -11.03 12.62 -3.68
CA LEU A 259 -11.88 12.83 -2.50
C LEU A 259 -13.36 12.55 -2.89
N SER A 260 -14.13 11.97 -1.99
CA SER A 260 -15.52 11.70 -2.23
C SER A 260 -16.32 11.85 -0.94
N ALA A 261 -17.58 12.32 -1.09
CA ALA A 261 -18.50 12.45 0.00
C ALA A 261 -19.87 11.83 -0.36
N LEU A 262 -20.42 11.04 0.54
CA LEU A 262 -21.80 10.56 0.39
C LEU A 262 -22.66 11.26 1.42
N LEU A 263 -23.75 11.87 0.96
CA LEU A 263 -24.66 12.59 1.85
C LEU A 263 -26.05 11.98 1.82
N ASP A 264 -26.71 11.94 2.97
CA ASP A 264 -28.05 11.39 3.08
C ASP A 264 -29.10 12.49 3.15
N GLY A 265 -30.36 12.11 3.01
CA GLY A 265 -31.46 13.06 3.05
C GLY A 265 -32.00 13.25 4.45
N LYS A 266 -31.15 13.75 5.35
CA LYS A 266 -31.54 13.98 6.73
C LYS A 266 -30.65 15.03 7.39
N ASN A 267 -30.43 14.88 8.69
CA ASN A 267 -29.59 15.81 9.44
C ASN A 267 -28.12 15.64 9.09
N VAL A 268 -27.34 16.69 9.31
CA VAL A 268 -25.91 16.65 9.01
C VAL A 268 -25.08 16.92 10.27
N ASN A 269 -25.75 16.91 11.42
CA ASN A 269 -25.06 17.15 12.69
C ASN A 269 -24.77 15.84 13.42
N ALA A 270 -24.51 14.79 12.65
CA ALA A 270 -24.22 13.48 13.22
C ALA A 270 -23.44 12.61 12.23
N GLY A 271 -23.56 11.29 12.39
CA GLY A 271 -22.88 10.35 11.52
C GLY A 271 -23.68 10.04 10.27
N GLY A 272 -23.82 11.05 9.41
CA GLY A 272 -24.56 10.89 8.17
C GLY A 272 -23.64 10.88 6.95
N HIS A 273 -23.33 12.07 6.44
CA HIS A 273 -22.46 12.20 5.28
C HIS A 273 -21.13 11.49 5.50
N LYS A 274 -20.83 10.54 4.63
CA LYS A 274 -19.58 9.78 4.73
C LYS A 274 -18.52 10.36 3.82
N LEU A 275 -17.26 10.13 4.16
CA LEU A 275 -16.11 10.64 3.35
C LEU A 275 -15.22 9.52 2.79
N GLY A 276 -14.42 9.80 1.78
CA GLY A 276 -13.47 8.82 1.22
C GLY A 276 -12.25 9.49 0.58
N LEU A 277 -11.13 8.78 0.50
CA LEU A 277 -9.86 9.28 -0.05
C LEU A 277 -9.17 8.17 -0.79
N GLY A 278 -8.77 8.44 -2.01
CA GLY A 278 -8.07 7.48 -2.80
C GLY A 278 -6.83 8.10 -3.43
N LEU A 279 -5.74 7.34 -3.51
CA LEU A 279 -4.54 7.71 -4.21
C LEU A 279 -4.13 6.60 -5.13
N GLU A 280 -3.93 6.93 -6.37
CA GLU A 280 -3.63 5.95 -7.40
C GLU A 280 -2.32 6.32 -8.07
N PHE A 281 -1.41 5.37 -8.15
CA PHE A 281 -0.10 5.58 -8.71
C PHE A 281 0.08 4.59 -9.86
N GLN A 282 0.29 5.09 -11.06
CA GLN A 282 0.81 4.26 -12.18
C GLN A 282 2.22 4.63 -12.58
N ALA A 283 3.06 3.61 -12.79
CA ALA A 283 4.44 3.83 -13.18
C ALA A 283 4.61 3.69 -14.70
N ALA B 2 23.17 -6.76 32.34
CA ALA B 2 22.02 -6.64 31.37
C ALA B 2 22.70 -6.90 30.03
N VAL B 3 21.89 -7.14 29.02
CA VAL B 3 22.33 -7.27 27.66
C VAL B 3 22.39 -5.85 27.02
N PRO B 4 23.54 -5.45 26.47
CA PRO B 4 23.66 -4.08 26.07
C PRO B 4 23.08 -3.93 24.70
N PRO B 5 22.78 -2.70 24.27
CA PRO B 5 22.35 -2.49 22.93
C PRO B 5 23.42 -2.79 21.90
N THR B 6 22.98 -2.95 20.67
CA THR B 6 23.93 -3.05 19.59
C THR B 6 24.64 -1.69 19.45
N TYR B 7 25.77 -1.68 18.75
CA TYR B 7 26.52 -0.47 18.50
C TYR B 7 25.70 0.64 17.85
N ALA B 8 24.89 0.27 16.86
CA ALA B 8 23.99 1.21 16.20
C ALA B 8 22.89 1.82 17.11
N ASP B 9 22.56 1.10 18.15
CA ASP B 9 21.48 1.61 19.01
C ASP B 9 21.98 2.42 20.17
N LEU B 10 23.28 2.53 20.30
CA LEU B 10 23.83 3.51 21.30
C LEU B 10 23.39 4.92 20.93
N GLY B 11 22.76 5.59 21.91
CA GLY B 11 22.20 6.90 21.64
C GLY B 11 20.82 6.92 20.94
N LYS B 12 20.11 5.78 20.86
CA LYS B 12 18.92 5.74 20.05
C LYS B 12 17.72 6.57 20.61
N SER B 13 17.44 6.41 21.86
CA SER B 13 16.43 7.11 22.56
C SER B 13 16.48 8.59 22.36
N ALA B 14 17.67 9.19 22.47
CA ALA B 14 17.84 10.60 22.25
C ALA B 14 17.57 10.93 20.82
N ARG B 15 18.00 10.07 19.93
CA ARG B 15 17.81 10.28 18.54
C ARG B 15 16.33 10.25 18.25
N ASP B 16 15.63 9.32 18.87
CA ASP B 16 14.19 9.24 18.72
C ASP B 16 13.43 10.47 19.07
N VAL B 17 13.83 11.19 20.13
CA VAL B 17 13.15 12.43 20.52
C VAL B 17 13.28 13.46 19.41
N PHE B 18 14.37 13.49 18.68
CA PHE B 18 14.58 14.39 17.54
C PHE B 18 13.90 13.98 16.30
N THR B 19 13.83 12.67 16.02
CA THR B 19 13.37 12.15 14.69
C THR B 19 11.88 11.75 14.66
N LYS B 20 11.34 11.07 15.66
CA LYS B 20 9.94 10.63 15.64
C LYS B 20 8.99 11.78 15.82
N GLY B 21 7.81 11.68 15.19
CA GLY B 21 6.80 12.71 15.38
C GLY B 21 6.96 13.90 14.48
N TYR B 22 7.93 13.82 13.59
CA TYR B 22 8.16 14.83 12.58
C TYR B 22 8.27 14.16 11.21
N GLY B 23 7.66 14.75 10.18
CA GLY B 23 7.96 14.35 8.80
C GLY B 23 7.88 15.58 7.88
N PHE B 24 8.83 16.50 7.98
CA PHE B 24 8.72 17.72 7.23
C PHE B 24 8.86 17.48 5.73
N GLY B 25 8.00 18.17 4.95
CA GLY B 25 8.04 18.09 3.53
C GLY B 25 7.68 16.71 3.03
N LEU B 26 6.91 15.95 3.82
CA LEU B 26 6.28 14.74 3.33
C LEU B 26 4.82 14.69 3.61
N ILE B 27 4.06 14.14 2.67
CA ILE B 27 2.69 13.68 2.93
C ILE B 27 2.79 12.17 2.89
N LYS B 28 2.41 11.54 3.97
CA LYS B 28 2.54 10.13 4.12
C LYS B 28 1.25 9.47 4.42
N LEU B 29 1.10 8.28 3.88
CA LEU B 29 -0.09 7.49 4.08
C LEU B 29 0.34 6.05 4.28
N ASP B 30 0.01 5.50 5.43
CA ASP B 30 0.30 4.09 5.76
C ASP B 30 -0.95 3.35 6.20
N LEU B 31 -1.17 2.19 5.59
CA LEU B 31 -2.26 1.33 5.96
C LEU B 31 -1.66 0.00 6.40
N LYS B 32 -1.90 -0.40 7.65
CA LYS B 32 -1.29 -1.63 8.19
C LYS B 32 -2.35 -2.54 8.82
N THR B 33 -2.14 -3.84 8.70
CA THR B 33 -2.94 -4.85 9.40
C THR B 33 -2.00 -5.90 9.98
N LYS B 34 -2.33 -6.44 11.15
CA LYS B 34 -1.42 -7.41 11.74
C LYS B 34 -2.11 -8.56 12.44
N SER B 35 -1.37 -9.63 12.66
CA SER B 35 -1.95 -10.83 13.35
C SER B 35 -0.93 -11.44 14.26
N GLU B 36 -1.35 -11.76 15.48
CA GLU B 36 -0.48 -12.42 16.44
C GLU B 36 0.08 -13.66 15.79
N ASN B 37 -0.81 -14.56 15.37
CA ASN B 37 -0.41 -15.70 14.56
C ASN B 37 -0.77 -15.39 13.13
N GLY B 38 0.24 -15.37 12.25
CA GLY B 38 0.10 -15.05 10.85
C GLY B 38 0.80 -13.80 10.33
N LEU B 39 0.29 -13.35 9.20
CA LEU B 39 0.78 -12.18 8.49
C LEU B 39 0.69 -10.83 9.19
N GLU B 40 1.61 -9.97 8.81
CA GLU B 40 1.56 -8.55 9.09
C GLU B 40 1.84 -7.85 7.74
N PHE B 41 1.16 -6.75 7.45
CA PHE B 41 1.12 -6.23 6.10
C PHE B 41 1.02 -4.74 6.15
N THR B 42 1.81 -4.02 5.34
CA THR B 42 1.81 -2.56 5.32
C THR B 42 1.93 -2.14 3.88
N SER B 43 1.03 -1.24 3.45
CA SER B 43 1.17 -0.54 2.19
C SER B 43 1.23 0.94 2.42
N SER B 44 2.17 1.58 1.75
CA SER B 44 2.59 2.93 2.07
C SER B 44 2.67 3.81 0.82
N GLY B 45 2.40 5.10 0.98
CA GLY B 45 2.56 6.08 -0.06
C GLY B 45 3.11 7.38 0.48
N SER B 46 4.11 7.95 -0.20
CA SER B 46 4.85 9.10 0.34
C SER B 46 5.14 10.11 -0.75
N ALA B 47 4.66 11.33 -0.55
CA ALA B 47 4.98 12.41 -1.49
C ALA B 47 5.93 13.34 -0.81
N ASN B 48 7.04 13.58 -1.50
CA ASN B 48 8.01 14.56 -1.10
C ASN B 48 7.58 15.88 -1.71
N THR B 49 7.27 16.90 -0.92
CA THR B 49 6.73 18.13 -1.49
C THR B 49 7.80 19.08 -1.99
N GLU B 50 9.07 18.72 -1.86
CA GLU B 50 10.17 19.52 -2.38
C GLU B 50 10.65 18.98 -3.73
N THR B 51 10.58 17.66 -3.93
CA THR B 51 11.05 17.04 -5.15
C THR B 51 9.87 16.65 -6.08
N THR B 52 8.65 16.74 -5.56
CA THR B 52 7.47 16.34 -6.37
C THR B 52 7.44 14.83 -6.63
N LYS B 53 8.34 14.10 -5.97
CA LYS B 53 8.48 12.65 -6.07
C LYS B 53 7.49 11.86 -5.16
N VAL B 54 6.72 10.97 -5.77
CA VAL B 54 5.68 10.23 -5.06
C VAL B 54 6.07 8.75 -5.07
N THR B 55 6.21 8.20 -3.89
CA THR B 55 6.75 6.85 -3.74
C THR B 55 5.67 5.94 -3.14
N GLY B 56 5.71 4.64 -3.49
CA GLY B 56 4.75 3.65 -3.01
C GLY B 56 5.42 2.35 -2.62
N SER B 57 4.96 1.69 -1.56
CA SER B 57 5.61 0.51 -0.97
C SER B 57 4.56 -0.49 -0.46
N LEU B 58 4.89 -1.77 -0.52
CA LEU B 58 4.20 -2.81 0.17
C LEU B 58 5.23 -3.60 0.97
N GLU B 59 4.86 -4.11 2.13
CA GLU B 59 5.68 -5.01 2.90
C GLU B 59 4.79 -6.07 3.57
N THR B 60 5.29 -7.29 3.50
CA THR B 60 4.65 -8.49 4.03
C THR B 60 5.64 -9.13 5.03
N LYS B 61 5.20 -9.35 6.26
CA LYS B 61 5.98 -9.99 7.27
C LYS B 61 5.25 -11.19 7.82
N TYR B 62 5.92 -12.34 7.81
CA TYR B 62 5.42 -13.52 8.50
C TYR B 62 6.39 -13.99 9.62
N ARG B 63 5.98 -13.94 10.89
CA ARG B 63 6.74 -14.47 12.02
C ARG B 63 6.31 -15.87 12.47
N TRP B 64 7.15 -16.88 12.27
CA TRP B 64 6.95 -18.26 12.65
C TRP B 64 7.67 -18.39 13.99
N THR B 65 7.07 -17.85 15.03
CA THR B 65 7.81 -17.74 16.29
C THR B 65 8.02 -19.06 17.01
N GLU B 66 7.60 -20.16 16.39
CA GLU B 66 7.88 -21.52 16.85
C GLU B 66 9.31 -21.93 16.48
N TYR B 67 9.80 -21.42 15.35
CA TYR B 67 11.16 -21.72 14.88
C TYR B 67 12.09 -20.50 14.85
N GLY B 68 11.71 -19.45 15.57
CA GLY B 68 12.48 -18.22 15.66
C GLY B 68 12.66 -17.48 14.34
N LEU B 69 11.75 -17.74 13.39
CA LEU B 69 11.85 -17.23 12.02
C LEU B 69 10.98 -16.02 11.76
N THR B 70 11.53 -15.10 10.97
CA THR B 70 10.79 -14.01 10.37
C THR B 70 11.12 -14.07 8.89
N PHE B 71 10.10 -13.92 8.05
CA PHE B 71 10.28 -13.63 6.64
C PHE B 71 9.62 -12.35 6.34
N THR B 72 10.33 -11.51 5.61
CA THR B 72 9.85 -10.20 5.24
C THR B 72 10.03 -10.00 3.77
N GLU B 73 9.08 -9.31 3.16
CA GLU B 73 9.04 -9.10 1.72
C GLU B 73 8.58 -7.74 1.41
N LYS B 74 9.36 -7.06 0.58
CA LYS B 74 9.17 -5.64 0.35
C LYS B 74 9.15 -5.48 -1.16
N TRP B 75 8.45 -4.44 -1.56
CA TRP B 75 8.23 -4.12 -2.93
C TRP B 75 8.10 -2.60 -2.94
N ASN B 76 8.57 -1.93 -3.98
CA ASN B 76 8.25 -0.50 -4.12
C ASN B 76 7.96 -0.18 -5.57
N THR B 77 7.68 1.12 -5.84
CA THR B 77 7.42 1.74 -7.13
C THR B 77 8.60 1.68 -8.08
N ASP B 78 9.79 1.89 -7.52
CA ASP B 78 11.02 1.94 -8.33
C ASP B 78 11.46 0.54 -8.72
N ASN B 79 10.54 -0.39 -8.68
CA ASN B 79 10.76 -1.78 -9.04
C ASN B 79 11.56 -2.63 -8.07
N THR B 80 12.17 -2.03 -7.04
CA THR B 80 12.96 -2.85 -6.08
C THR B 80 12.06 -3.87 -5.35
N LEU B 81 12.57 -5.09 -5.25
CA LEU B 81 12.01 -6.20 -4.52
C LEU B 81 13.04 -6.53 -3.43
N GLY B 82 12.61 -7.23 -2.40
CA GLY B 82 13.52 -7.45 -1.28
C GLY B 82 12.97 -8.51 -0.39
N THR B 83 13.82 -9.44 0.04
CA THR B 83 13.43 -10.44 1.03
C THR B 83 14.43 -10.48 2.18
N GLU B 84 13.92 -10.77 3.36
CA GLU B 84 14.77 -10.86 4.53
C GLU B 84 14.26 -12.04 5.32
N ILE B 85 15.16 -12.97 5.60
CA ILE B 85 14.92 -14.08 6.51
C ILE B 85 15.82 -13.93 7.74
N THR B 86 15.24 -14.13 8.91
CA THR B 86 15.87 -13.93 10.15
C THR B 86 15.66 -15.15 11.01
N VAL B 87 16.74 -15.70 11.60
CA VAL B 87 16.65 -16.75 12.59
C VAL B 87 17.18 -16.21 13.92
N GLU B 88 16.43 -16.40 15.00
CA GLU B 88 16.85 -15.84 16.28
C GLU B 88 16.67 -16.90 17.31
N ASP B 89 17.62 -16.98 18.22
CA ASP B 89 17.60 -17.87 19.40
C ASP B 89 17.58 -19.33 19.06
N GLN B 90 17.98 -19.66 17.82
CA GLN B 90 17.74 -21.00 17.29
C GLN B 90 18.86 -21.99 17.38
N LEU B 91 20.09 -21.52 17.18
CA LEU B 91 21.27 -22.36 17.30
C LEU B 91 21.73 -22.22 18.75
N ALA B 92 21.57 -21.01 19.28
CA ALA B 92 21.91 -20.68 20.65
C ALA B 92 21.20 -19.42 21.07
N ARG B 93 20.97 -19.32 22.38
CA ARG B 93 20.34 -18.16 22.97
C ARG B 93 21.17 -16.92 22.63
N GLY B 94 20.49 -15.89 22.18
CA GLY B 94 21.05 -14.67 21.80
C GLY B 94 21.75 -14.69 20.47
N LEU B 95 21.75 -15.81 19.72
CA LEU B 95 22.30 -15.77 18.36
C LEU B 95 21.23 -15.35 17.33
N LYS B 96 21.57 -14.47 16.38
CA LYS B 96 20.65 -13.93 15.38
C LYS B 96 21.35 -13.88 14.03
N LEU B 97 20.75 -14.55 13.04
CA LEU B 97 21.31 -14.59 11.67
C LEU B 97 20.26 -14.05 10.67
N THR B 98 20.63 -13.10 9.85
CA THR B 98 19.77 -12.52 8.85
C THR B 98 20.40 -12.75 7.49
N PHE B 99 19.52 -13.14 6.56
CA PHE B 99 19.85 -13.34 5.15
C PHE B 99 19.01 -12.26 4.47
N ASP B 100 19.65 -11.41 3.69
CA ASP B 100 18.97 -10.32 3.07
C ASP B 100 19.28 -10.33 1.56
N SER B 101 18.25 -10.28 0.73
CA SER B 101 18.41 -10.18 -0.73
C SER B 101 17.58 -9.03 -1.28
N SER B 102 18.16 -8.30 -2.19
CA SER B 102 17.46 -7.32 -3.02
C SER B 102 17.61 -7.71 -4.54
N PHE B 103 16.57 -7.41 -5.30
CA PHE B 103 16.43 -7.70 -6.72
C PHE B 103 15.69 -6.57 -7.46
N SER B 104 16.18 -6.25 -8.65
CA SER B 104 15.48 -5.32 -9.52
C SER B 104 15.13 -6.00 -10.84
N PRO B 105 13.83 -6.38 -11.02
CA PRO B 105 13.22 -6.74 -12.31
C PRO B 105 13.53 -5.69 -13.39
N ASN B 106 13.59 -4.40 -13.02
CA ASN B 106 13.90 -3.27 -13.95
C ASN B 106 15.35 -2.87 -14.12
N THR B 107 16.17 -2.96 -13.08
CA THR B 107 17.58 -2.61 -13.25
C THR B 107 18.43 -3.87 -13.46
N GLY B 108 17.93 -5.04 -13.07
CA GLY B 108 18.73 -6.24 -12.87
C GLY B 108 19.69 -6.12 -11.66
N LYS B 109 19.56 -5.09 -10.83
CA LYS B 109 20.48 -4.81 -9.76
C LYS B 109 20.25 -5.80 -8.61
N LYS B 110 21.18 -6.71 -8.33
CA LYS B 110 21.08 -7.58 -7.15
C LYS B 110 21.97 -7.09 -5.97
N ASN B 111 21.44 -7.14 -4.77
CA ASN B 111 22.24 -6.94 -3.55
C ASN B 111 21.96 -8.11 -2.62
N ALA B 112 22.98 -8.59 -1.89
CA ALA B 112 22.81 -9.64 -0.87
C ALA B 112 23.63 -9.31 0.38
N LYS B 113 23.09 -9.63 1.55
CA LYS B 113 23.71 -9.34 2.82
C LYS B 113 23.50 -10.49 3.77
N ILE B 114 24.53 -10.78 4.57
CA ILE B 114 24.40 -11.62 5.75
C ILE B 114 24.82 -10.80 6.95
N LYS B 115 23.98 -10.80 7.97
CA LYS B 115 24.16 -10.04 9.19
C LYS B 115 24.10 -11.08 10.31
N THR B 116 25.10 -11.05 11.20
CA THR B 116 25.12 -12.00 12.33
C THR B 116 25.32 -11.23 13.60
N GLY B 117 24.68 -11.70 14.65
CA GLY B 117 24.71 -11.03 15.89
C GLY B 117 24.75 -12.07 16.95
N TYR B 118 25.52 -11.75 17.97
CA TYR B 118 25.51 -12.52 19.18
C TYR B 118 25.47 -11.62 20.38
N LYS B 119 24.55 -11.91 21.27
CA LYS B 119 24.41 -11.14 22.43
C LYS B 119 24.04 -12.00 23.64
N ARG B 120 24.42 -11.43 24.76
CA ARG B 120 24.23 -12.00 26.04
C ARG B 120 24.59 -11.01 27.11
N GLU B 121 24.53 -11.44 28.34
CA GLU B 121 24.86 -10.58 29.48
C GLU B 121 26.20 -9.82 29.24
N HIS B 122 26.16 -8.49 29.25
CA HIS B 122 27.33 -7.55 29.10
C HIS B 122 27.91 -7.31 27.68
N ILE B 123 27.47 -8.06 26.68
CA ILE B 123 28.22 -8.19 25.39
C ILE B 123 27.13 -8.13 24.28
N ASN B 124 27.41 -7.34 23.25
CA ASN B 124 26.63 -7.34 22.06
C ASN B 124 27.56 -7.16 20.84
N LEU B 125 27.70 -8.24 20.08
CA LEU B 125 28.60 -8.21 18.93
C LEU B 125 27.94 -8.59 17.62
N GLY B 126 28.33 -7.85 16.58
CA GLY B 126 27.84 -8.08 15.28
C GLY B 126 28.79 -7.97 14.15
N CYS B 127 28.42 -8.55 13.02
CA CYS B 127 29.25 -8.65 11.86
C CYS B 127 28.33 -8.80 10.69
N ASP B 128 28.29 -7.76 9.86
CA ASP B 128 27.53 -7.67 8.64
C ASP B 128 28.42 -7.79 7.42
N MET B 129 28.02 -8.66 6.51
CA MET B 129 28.74 -8.86 5.25
C MET B 129 27.89 -8.38 4.10
N ASP B 130 28.45 -7.50 3.29
CA ASP B 130 27.75 -6.98 2.15
C ASP B 130 28.44 -7.55 0.92
N PHE B 131 27.68 -8.34 0.17
CA PHE B 131 28.16 -8.99 -1.04
C PHE B 131 27.78 -8.11 -2.20
N ASP B 132 28.56 -7.08 -2.46
CA ASP B 132 28.15 -6.16 -3.51
C ASP B 132 28.99 -6.33 -4.75
N ILE B 133 28.43 -5.94 -5.90
CA ILE B 133 29.19 -5.93 -7.13
C ILE B 133 30.29 -4.96 -6.79
N ALA B 134 29.91 -3.71 -6.54
CA ALA B 134 30.87 -2.69 -6.09
C ALA B 134 32.02 -3.32 -5.35
N GLY B 135 31.70 -4.31 -4.50
CA GLY B 135 32.72 -4.99 -3.72
C GLY B 135 32.18 -5.37 -2.37
N PRO B 136 32.53 -6.58 -1.90
CA PRO B 136 32.16 -6.98 -0.54
C PRO B 136 32.70 -6.02 0.54
N SER B 137 31.90 -5.73 1.55
CA SER B 137 32.45 -5.03 2.70
C SER B 137 31.98 -5.79 3.95
N ILE B 138 32.71 -5.60 5.05
CA ILE B 138 32.44 -6.32 6.28
C ILE B 138 32.39 -5.27 7.35
N ARG B 139 31.31 -5.25 8.11
CA ARG B 139 31.18 -4.30 9.21
C ARG B 139 31.20 -5.13 10.49
N GLY B 140 32.11 -4.89 11.40
CA GLY B 140 32.02 -5.51 12.72
C GLY B 140 31.80 -4.52 13.89
N ALA B 141 31.14 -4.99 14.94
CA ALA B 141 30.83 -4.14 16.11
C ALA B 141 30.79 -4.92 17.38
N LEU B 142 31.20 -4.26 18.45
CA LEU B 142 31.27 -4.85 19.75
C LEU B 142 30.86 -3.80 20.74
N VAL B 143 29.95 -4.17 21.63
CA VAL B 143 29.58 -3.25 22.72
C VAL B 143 29.71 -4.06 24.00
N LEU B 144 30.52 -3.51 24.92
CA LEU B 144 30.66 -4.06 26.25
C LEU B 144 29.94 -3.21 27.28
N GLY B 145 29.25 -3.84 28.22
CA GLY B 145 28.76 -3.07 29.37
C GLY B 145 29.17 -3.47 30.75
N TYR B 146 29.27 -2.50 31.62
CA TYR B 146 29.75 -2.70 32.97
C TYR B 146 29.08 -1.69 33.85
N GLU B 147 28.25 -2.20 34.77
CA GLU B 147 27.49 -1.41 35.76
C GLU B 147 26.88 -0.11 35.22
N GLY B 148 26.07 -0.22 34.18
CA GLY B 148 25.47 0.95 33.56
C GLY B 148 26.34 1.60 32.51
N TRP B 149 27.64 1.37 32.53
CA TRP B 149 28.54 1.97 31.51
C TRP B 149 28.54 1.15 30.27
N LEU B 150 28.89 1.74 29.14
CA LEU B 150 28.86 1.13 27.81
C LEU B 150 30.05 1.61 27.04
N ALA B 151 30.73 0.70 26.36
CA ALA B 151 31.91 1.06 25.55
C ALA B 151 31.78 0.27 24.27
N GLY B 152 31.99 0.92 23.14
CA GLY B 152 31.81 0.17 21.88
C GLY B 152 32.78 0.58 20.84
N TYR B 153 33.06 -0.36 19.95
CA TYR B 153 33.93 -0.19 18.81
C TYR B 153 33.24 -0.77 17.59
N GLN B 154 33.36 -0.08 16.49
CA GLN B 154 32.72 -0.38 15.20
C GLN B 154 33.64 -0.08 14.01
N MET B 155 33.78 -1.04 13.11
CA MET B 155 34.67 -0.91 11.95
C MET B 155 34.02 -1.40 10.65
N ASN B 156 34.51 -0.93 9.52
CA ASN B 156 34.07 -1.41 8.22
C ASN B 156 35.29 -1.66 7.35
N PHE B 157 35.36 -2.82 6.70
CA PHE B 157 36.42 -3.19 5.77
C PHE B 157 35.90 -3.34 4.35
N GLU B 158 36.33 -2.45 3.45
CA GLU B 158 35.99 -2.52 2.00
C GLU B 158 37.11 -3.26 1.25
N THR B 159 36.74 -4.46 0.73
CA THR B 159 37.68 -5.43 0.14
C THR B 159 38.33 -4.94 -1.17
N ALA B 160 37.66 -4.02 -1.86
CA ALA B 160 38.15 -3.49 -3.13
C ALA B 160 39.34 -2.51 -2.94
N LYS B 161 39.29 -1.78 -1.83
CA LYS B 161 40.32 -0.83 -1.41
C LYS B 161 41.22 -1.50 -0.39
N SER B 162 40.84 -2.73 -0.02
CA SER B 162 41.50 -3.52 1.03
C SER B 162 41.96 -2.67 2.21
N ARG B 163 41.08 -1.86 2.78
CA ARG B 163 41.41 -1.05 3.94
C ARG B 163 40.15 -0.73 4.77
N VAL B 164 40.33 -0.65 6.09
CA VAL B 164 39.33 -0.10 6.99
C VAL B 164 38.91 1.27 6.45
N THR B 165 37.63 1.45 6.18
CA THR B 165 37.09 2.73 5.74
C THR B 165 36.18 3.34 6.84
N GLN B 166 36.17 2.73 8.01
CA GLN B 166 35.33 3.18 9.11
C GLN B 166 35.89 2.66 10.43
N SER B 167 36.07 3.56 11.39
CA SER B 167 36.56 3.15 12.71
C SER B 167 35.97 4.09 13.74
N ASN B 168 34.95 3.61 14.44
CA ASN B 168 34.15 4.38 15.37
C ASN B 168 34.30 3.83 16.81
N PHE B 169 34.37 4.78 17.77
CA PHE B 169 34.35 4.50 19.21
C PHE B 169 33.15 5.24 19.81
N ALA B 170 32.51 4.60 20.81
CA ALA B 170 31.43 5.20 21.60
C ALA B 170 31.63 4.83 23.04
N VAL B 171 31.30 5.75 23.95
CA VAL B 171 31.29 5.53 25.40
C VAL B 171 30.00 6.16 25.98
N GLY B 172 29.34 5.46 26.89
CA GLY B 172 28.07 5.96 27.35
C GLY B 172 27.68 5.43 28.70
N TYR B 173 26.61 5.97 29.25
CA TYR B 173 26.07 5.47 30.49
C TYR B 173 24.55 5.40 30.27
N LYS B 174 23.95 4.28 30.68
CA LYS B 174 22.57 4.02 30.35
C LYS B 174 21.72 3.43 31.49
N THR B 175 20.73 4.20 31.89
CA THR B 175 19.67 3.79 32.81
C THR B 175 18.37 3.87 32.02
N ASP B 176 17.27 3.48 32.64
CA ASP B 176 16.03 3.55 31.89
C ASP B 176 15.35 4.91 31.86
N GLU B 177 15.88 5.85 32.61
CA GLU B 177 15.36 7.19 32.66
C GLU B 177 16.43 8.18 32.29
N PHE B 178 17.62 7.69 32.03
CA PHE B 178 18.72 8.60 31.69
C PHE B 178 19.74 7.96 30.80
N GLN B 179 20.18 8.68 29.77
CA GLN B 179 21.24 8.15 28.89
C GLN B 179 22.20 9.18 28.42
N LEU B 180 23.48 8.87 28.64
CA LEU B 180 24.61 9.68 28.10
C LEU B 180 25.27 8.87 27.01
N HIS B 181 25.51 9.49 25.86
CA HIS B 181 26.17 8.82 24.74
C HIS B 181 27.24 9.73 24.16
N THR B 182 28.43 9.20 23.91
CA THR B 182 29.46 9.98 23.14
C THR B 182 30.09 9.04 22.12
N ASN B 183 30.53 9.66 21.02
CA ASN B 183 31.22 8.94 19.97
C ASN B 183 32.16 9.83 19.19
N VAL B 184 33.18 9.23 18.64
CA VAL B 184 34.01 9.88 17.59
C VAL B 184 34.03 8.90 16.35
N ASN B 185 33.58 9.36 15.20
CA ASN B 185 33.76 8.63 13.99
C ASN B 185 34.98 9.03 13.23
N ASP B 186 35.85 8.05 12.98
CA ASP B 186 36.97 8.19 12.05
C ASP B 186 38.01 9.18 12.44
N GLY B 187 38.24 9.28 13.75
CA GLY B 187 38.95 10.38 14.43
C GLY B 187 38.53 11.77 14.03
N THR B 188 37.29 11.95 13.57
CA THR B 188 36.93 13.15 12.81
C THR B 188 35.64 13.80 13.32
N GLU B 189 34.57 12.99 13.48
CA GLU B 189 33.27 13.48 13.84
C GLU B 189 33.03 13.15 15.27
N PHE B 190 32.82 14.19 16.09
CA PHE B 190 32.53 14.01 17.49
C PHE B 190 31.08 14.25 17.78
N GLY B 191 30.47 13.39 18.57
CA GLY B 191 29.07 13.61 18.97
C GLY B 191 28.77 13.28 20.42
N GLY B 192 27.72 13.85 20.99
CA GLY B 192 27.34 13.49 22.29
C GLY B 192 25.94 13.90 22.53
N SER B 193 25.27 13.16 23.41
CA SER B 193 23.85 13.31 23.64
C SER B 193 23.52 12.95 25.07
N ILE B 194 22.54 13.65 25.63
CA ILE B 194 21.91 13.27 26.87
C ILE B 194 20.41 13.05 26.59
N TYR B 195 19.87 11.95 27.12
CA TYR B 195 18.45 11.65 27.03
C TYR B 195 17.86 11.54 28.43
N GLN B 196 16.69 12.14 28.65
CA GLN B 196 16.07 12.06 30.02
C GLN B 196 14.61 11.72 29.90
N LYS B 197 14.21 10.69 30.62
CA LYS B 197 12.80 10.44 30.75
C LYS B 197 12.45 11.11 32.02
N VAL B 198 11.92 12.33 31.88
CA VAL B 198 11.77 13.25 33.01
C VAL B 198 10.56 12.88 33.89
N ASN B 199 9.50 12.34 33.28
CA ASN B 199 8.38 11.76 33.99
C ASN B 199 7.64 10.86 33.01
N LYS B 200 6.45 10.37 33.41
CA LYS B 200 5.59 9.51 32.56
C LYS B 200 5.19 10.22 31.27
N LYS B 201 5.23 11.57 31.29
CA LYS B 201 4.76 12.37 30.13
C LYS B 201 5.81 13.15 29.33
N LEU B 202 7.04 13.23 29.80
CA LEU B 202 8.00 14.11 29.17
C LEU B 202 9.34 13.41 28.97
N GLU B 203 9.81 13.44 27.72
CA GLU B 203 11.15 13.04 27.35
C GLU B 203 11.89 14.25 26.82
N THR B 204 13.18 14.36 27.15
CA THR B 204 13.99 15.45 26.64
C THR B 204 15.31 14.93 26.10
N ALA B 205 15.88 15.66 25.16
CA ALA B 205 17.16 15.29 24.62
C ALA B 205 17.99 16.54 24.23
N VAL B 206 19.31 16.42 24.44
CA VAL B 206 20.27 17.42 23.98
C VAL B 206 21.27 16.68 23.11
N ASN B 207 21.61 17.24 21.96
CA ASN B 207 22.61 16.64 21.05
C ASN B 207 23.69 17.68 20.75
N LEU B 208 24.94 17.20 20.68
CA LEU B 208 26.11 17.99 20.33
C LEU B 208 26.87 17.25 19.24
N ALA B 209 27.46 18.06 18.37
CA ALA B 209 28.25 17.53 17.26
C ALA B 209 29.28 18.58 16.83
N TRP B 210 30.47 18.11 16.50
CA TRP B 210 31.53 19.00 16.04
C TRP B 210 32.57 18.11 15.27
N THR B 211 33.58 18.70 14.67
CA THR B 211 34.39 18.07 13.61
C THR B 211 35.82 18.56 13.77
N ALA B 212 36.78 17.66 13.83
CA ALA B 212 38.21 18.00 13.92
C ALA B 212 38.57 19.02 12.84
N GLY B 213 39.42 19.96 13.23
CA GLY B 213 39.75 21.07 12.35
C GLY B 213 38.75 22.17 12.04
N ASN B 214 37.57 22.12 12.65
CA ASN B 214 36.63 23.24 12.59
C ASN B 214 36.22 23.60 14.02
N SER B 215 36.30 24.86 14.42
CA SER B 215 36.07 25.21 15.82
C SER B 215 34.58 25.35 16.21
N ASN B 216 33.69 25.28 15.23
CA ASN B 216 32.26 25.43 15.51
C ASN B 216 31.65 24.23 16.14
N THR B 217 30.44 24.38 16.67
CA THR B 217 29.74 23.28 17.32
C THR B 217 28.29 23.39 16.87
N ARG B 218 27.68 22.24 16.58
CA ARG B 218 26.22 22.15 16.40
C ARG B 218 25.58 21.59 17.62
N PHE B 219 24.43 22.14 18.00
CA PHE B 219 23.64 21.52 19.08
C PHE B 219 22.17 21.64 18.84
N GLY B 220 21.39 20.75 19.47
CA GLY B 220 19.94 20.73 19.37
C GLY B 220 19.43 20.40 20.73
N ILE B 221 18.25 20.91 21.02
CA ILE B 221 17.50 20.60 22.24
C ILE B 221 16.17 20.11 21.71
N ALA B 222 15.60 19.06 22.30
CA ALA B 222 14.25 18.56 21.85
C ALA B 222 13.43 18.01 22.99
N ALA B 223 12.11 18.00 22.85
CA ALA B 223 11.21 17.38 23.86
C ALA B 223 10.15 16.62 23.14
N LYS B 224 9.49 15.77 23.92
CA LYS B 224 8.38 14.93 23.48
C LYS B 224 7.40 14.88 24.66
N TYR B 225 6.24 15.50 24.52
CA TYR B 225 5.27 15.55 25.60
C TYR B 225 3.96 14.83 25.24
N GLN B 226 3.73 13.73 25.95
CA GLN B 226 2.49 12.95 25.77
C GLN B 226 1.43 13.59 26.60
N ILE B 227 0.61 14.43 25.94
CA ILE B 227 -0.47 15.26 26.57
C ILE B 227 -1.42 14.30 27.33
N ASP B 228 -1.94 13.35 26.59
CA ASP B 228 -2.72 12.27 27.15
C ASP B 228 -2.44 11.03 26.26
N PRO B 229 -3.18 9.89 26.43
CA PRO B 229 -2.76 8.73 25.64
C PRO B 229 -3.11 8.88 24.17
N ASP B 230 -3.83 9.94 23.80
CA ASP B 230 -4.26 10.10 22.42
C ASP B 230 -3.59 11.19 21.65
N ALA B 231 -2.94 12.13 22.38
CA ALA B 231 -2.28 13.28 21.77
C ALA B 231 -0.83 13.43 22.27
N CYS B 232 0.01 13.91 21.37
CA CYS B 232 1.46 13.90 21.59
C CYS B 232 2.06 15.14 20.91
N PHE B 233 2.81 15.96 21.64
CA PHE B 233 3.47 17.14 21.06
C PHE B 233 4.99 16.99 21.11
N SER B 234 5.67 17.32 20.01
CA SER B 234 7.12 17.44 19.94
C SER B 234 7.59 18.84 19.58
N ALA B 235 8.64 19.30 20.28
CA ALA B 235 9.29 20.55 19.89
C ALA B 235 10.81 20.44 19.93
N LYS B 236 11.49 21.00 18.94
CA LYS B 236 12.95 20.95 18.94
C LYS B 236 13.51 22.27 18.37
N VAL B 237 14.68 22.66 18.80
CA VAL B 237 15.42 23.83 18.25
C VAL B 237 16.88 23.41 18.03
N ASN B 238 17.55 24.00 17.05
CA ASN B 238 18.98 23.80 16.95
C ASN B 238 19.70 25.17 16.72
N ASN B 239 21.03 25.15 16.74
CA ASN B 239 21.75 26.40 16.73
C ASN B 239 22.05 26.87 15.31
N SER B 240 21.39 26.24 14.34
CA SER B 240 21.25 26.75 12.97
C SER B 240 20.02 27.57 12.83
N SER B 241 19.32 27.74 13.94
CA SER B 241 18.09 28.53 14.00
C SER B 241 16.84 27.83 13.50
N LEU B 242 16.90 26.52 13.37
CA LEU B 242 15.74 25.78 12.99
C LEU B 242 14.83 25.42 14.21
N ILE B 243 13.53 25.62 14.04
CA ILE B 243 12.50 25.22 15.01
C ILE B 243 11.61 24.16 14.40
N GLY B 244 11.52 23.00 15.01
CA GLY B 244 10.63 21.94 14.51
C GLY B 244 9.47 21.80 15.49
N LEU B 245 8.25 21.66 14.95
CA LEU B 245 7.09 21.40 15.79
C LEU B 245 6.41 20.20 15.21
N GLY B 246 5.85 19.36 16.07
CA GLY B 246 5.14 18.17 15.61
C GLY B 246 4.01 17.79 16.53
N TYR B 247 2.87 17.40 15.97
CA TYR B 247 1.68 17.09 16.76
C TYR B 247 1.03 15.85 16.23
N THR B 248 0.81 14.87 17.12
CA THR B 248 0.25 13.58 16.75
C THR B 248 -1.01 13.32 17.54
N GLN B 249 -2.10 13.07 16.83
CA GLN B 249 -3.41 12.89 17.41
C GLN B 249 -3.98 11.54 16.90
N THR B 250 -4.34 10.65 17.82
CA THR B 250 -5.28 9.55 17.52
C THR B 250 -6.70 10.06 17.38
N LEU B 251 -7.27 10.06 16.18
CA LEU B 251 -8.61 10.56 15.93
C LEU B 251 -9.69 9.49 16.29
N LYS B 252 -9.38 8.24 16.00
CA LYS B 252 -10.17 7.08 16.36
C LYS B 252 -9.15 5.95 16.58
N PRO B 253 -9.36 5.01 17.52
CA PRO B 253 -8.37 3.93 17.71
C PRO B 253 -7.83 3.31 16.38
N GLY B 254 -6.52 3.37 16.18
CA GLY B 254 -5.92 2.88 14.94
C GLY B 254 -5.90 3.89 13.81
N ILE B 255 -6.37 5.11 14.04
CA ILE B 255 -6.16 6.19 13.09
C ILE B 255 -5.47 7.34 13.78
N LYS B 256 -4.27 7.66 13.30
CA LYS B 256 -3.37 8.67 13.87
C LYS B 256 -3.01 9.64 12.77
N LEU B 257 -3.07 10.91 13.11
CA LEU B 257 -2.72 11.96 12.19
C LEU B 257 -1.50 12.73 12.81
N THR B 258 -0.48 13.00 12.00
CA THR B 258 0.64 13.87 12.43
C THR B 258 0.70 15.12 11.57
N LEU B 259 0.74 16.29 12.20
CA LEU B 259 1.17 17.53 11.52
C LEU B 259 2.55 18.01 12.04
N SER B 260 3.37 18.53 11.17
CA SER B 260 4.69 19.03 11.55
C SER B 260 5.08 20.21 10.69
N ALA B 261 5.80 21.15 11.34
CA ALA B 261 6.32 22.34 10.65
C ALA B 261 7.78 22.53 11.00
N LEU B 262 8.60 22.79 10.00
CA LEU B 262 9.98 23.22 10.23
C LEU B 262 10.05 24.68 9.84
N LEU B 263 10.53 25.50 10.76
CA LEU B 263 10.60 26.93 10.57
C LEU B 263 12.07 27.43 10.67
N ASP B 264 12.49 28.23 9.68
CA ASP B 264 13.81 28.86 9.70
C ASP B 264 13.66 30.05 10.62
N GLY B 265 14.76 30.56 11.18
CA GLY B 265 14.82 31.89 11.74
C GLY B 265 15.07 32.83 10.55
N LYS B 266 13.99 33.26 9.88
CA LYS B 266 14.05 34.28 8.83
C LYS B 266 12.64 34.75 8.44
N ASN B 267 12.51 35.60 7.41
CA ASN B 267 11.18 36.06 7.04
C ASN B 267 10.26 34.88 6.71
N VAL B 268 8.97 35.04 7.01
CA VAL B 268 7.99 34.00 6.75
C VAL B 268 7.12 34.33 5.55
N ASN B 269 7.57 35.31 4.76
CA ASN B 269 6.84 35.74 3.57
C ASN B 269 7.70 35.63 2.32
N ALA B 270 8.37 34.49 2.16
CA ALA B 270 9.23 34.26 1.01
C ALA B 270 9.26 32.78 0.62
N GLY B 271 8.52 31.98 1.36
CA GLY B 271 8.45 30.55 1.10
C GLY B 271 9.49 29.54 1.58
N GLY B 272 9.80 29.59 2.86
CA GLY B 272 10.95 28.91 3.44
C GLY B 272 10.55 27.86 4.46
N HIS B 273 9.31 27.95 4.94
CA HIS B 273 8.80 27.01 5.94
C HIS B 273 8.47 25.66 5.30
N LYS B 274 8.71 24.59 6.06
CA LYS B 274 8.42 23.24 5.58
C LYS B 274 7.32 22.59 6.41
N LEU B 275 6.28 22.10 5.73
CA LEU B 275 5.16 21.45 6.41
C LEU B 275 5.16 19.94 6.17
N GLY B 276 4.45 19.18 7.01
CA GLY B 276 4.32 17.73 6.80
C GLY B 276 3.05 17.19 7.38
N LEU B 277 2.58 16.07 6.82
CA LEU B 277 1.33 15.44 7.23
C LEU B 277 1.50 13.94 7.11
N GLY B 278 1.19 13.25 8.20
CA GLY B 278 1.24 11.82 8.16
C GLY B 278 -0.05 11.24 8.71
N LEU B 279 -0.56 10.19 8.05
CA LEU B 279 -1.77 9.50 8.47
C LEU B 279 -1.45 8.03 8.49
N GLU B 280 -1.63 7.45 9.67
CA GLU B 280 -1.46 6.03 9.83
C GLU B 280 -2.80 5.38 10.15
N PHE B 281 -3.08 4.33 9.41
CA PHE B 281 -4.23 3.50 9.66
C PHE B 281 -3.80 2.10 10.07
N GLN B 282 -4.15 1.71 11.28
CA GLN B 282 -3.79 0.40 11.81
C GLN B 282 -5.05 -0.44 12.03
N ALA B 283 -5.07 -1.66 11.53
CA ALA B 283 -6.25 -2.50 11.76
C ALA B 283 -6.45 -2.91 13.25
C1 MC3 C . -44.93 -9.18 -15.23
C2 MC3 C . -43.64 -8.40 -15.14
C3 MC3 C . -43.12 -8.28 -16.56
C31 MC3 C . -42.76 -6.33 -14.19
C32 MC3 C . -41.80 -5.79 -15.25
C33 MC3 C . -42.44 -5.90 -16.64
C34 MC3 C . -41.47 -5.64 -17.79
C35 MC3 C . -41.62 -4.23 -18.34
C36 MC3 C . -40.88 -4.10 -19.68
C37 MC3 C . -39.76 -3.06 -19.65
C38 MC3 C . -39.63 -2.26 -20.94
C39 MC3 C . -38.20 -1.81 -21.05
C40 MC3 C . -37.88 -0.36 -20.64
C41 MC3 C . -36.53 -0.23 -19.94
C42 MC3 C . -35.79 1.00 -20.42
C43 MC3 C . -34.52 1.17 -19.62
C44 MC3 C . -33.79 2.48 -19.88
O2 MC3 C . -43.95 -7.12 -14.56
O31 MC3 C . -42.56 -6.04 -13.00
O1P MC3 C . -46.09 -6.98 -13.33
O2P MC3 C . -47.92 -6.71 -15.18
O3P MC3 C . -45.97 -8.24 -15.57
P MC3 C . -46.97 -7.60 -14.44
N NO3 D . -22.62 -5.08 -35.65
O1 NO3 D . -23.31 -4.22 -35.13
O2 NO3 D . -22.02 -4.79 -36.88
O3 NO3 D . -22.36 -6.31 -35.00
C1 MC3 E . 41.65 16.99 18.71
C2 MC3 E . 40.43 16.30 19.32
C3 MC3 E . 40.98 15.16 20.20
C31 MC3 E . 38.35 16.77 20.69
C32 MC3 E . 38.44 16.29 22.10
C33 MC3 E . 36.98 15.91 22.41
C34 MC3 E . 37.45 15.44 23.90
C35 MC3 E . 36.54 16.02 24.99
C36 MC3 E . 35.32 15.06 25.10
C37 MC3 E . 34.36 15.50 26.21
C38 MC3 E . 33.01 14.78 26.03
C39 MC3 E . 31.76 15.66 26.26
C40 MC3 E . 30.55 14.98 25.61
C41 MC3 E . 29.30 14.94 26.50
C42 MC3 E . 28.10 14.69 25.63
C43 MC3 E . 26.75 14.89 26.36
C44 MC3 E . 25.77 15.83 25.65
O2 MC3 E . 39.55 17.29 19.97
O31 MC3 E . 37.20 16.81 20.25
O1P MC3 E . 41.05 19.89 18.16
O2P MC3 E . 42.74 20.32 20.31
O3P MC3 E . 42.30 18.00 19.60
P MC3 E . 42.49 19.53 19.04
C1 MC3 F . 42.88 6.59 19.61
C2 MC3 F . 42.70 7.55 18.42
C3 MC3 F . 43.32 6.95 17.17
C31 MC3 F . 40.58 8.02 19.49
C32 MC3 F . 40.11 6.84 20.31
C33 MC3 F . 40.12 7.31 21.76
C34 MC3 F . 39.68 6.20 22.70
C35 MC3 F . 39.02 6.78 23.94
C36 MC3 F . 38.04 5.79 24.54
C37 MC3 F . 37.61 4.78 23.46
C38 MC3 F . 37.96 3.34 23.82
C39 MC3 F . 36.69 2.50 23.96
C40 MC3 F . 36.77 1.72 25.26
C41 MC3 F . 37.04 0.27 24.95
C42 MC3 F . 36.31 -0.13 23.68
C43 MC3 F . 35.71 -1.51 23.88
C44 MC3 F . 34.92 -1.95 22.65
O2 MC3 F . 41.30 7.83 18.23
O31 MC3 F . 40.35 9.15 19.89
O1P MC3 F . 42.75 3.36 21.02
O2P MC3 F . 43.29 3.17 18.42
O3P MC3 F . 42.28 5.32 19.35
P MC3 F . 43.13 3.98 19.68
N NO3 G . 25.69 -4.22 33.31
O1 NO3 G . 25.41 -4.91 34.28
O2 NO3 G . 25.55 -2.85 33.48
O3 NO3 G . 26.07 -4.78 32.08
#